data_6T6H
#
_entry.id   6T6H
#
_cell.length_a   66.683
_cell.length_b   80.133
_cell.length_c   88.699
_cell.angle_alpha   90.000
_cell.angle_beta   90.000
_cell.angle_gamma   90.000
#
_symmetry.space_group_name_H-M   'I 2 2 2'
#
loop_
_entity.id
_entity.type
_entity.pdbx_description
1 polymer BotH
2 non-polymer 'SULFATE ION'
3 non-polymer 'SODIUM ION'
4 water water
#
_entity_poly.entity_id   1
_entity_poly.type   'polypeptide(L)'
_entity_poly.pdbx_seq_one_letter_code
;HHHHHHSSGLVPRGSHMVRDGNGTSRRDVFEVFSRDGTPIRGFSRPGPGETVVLVHGVAMDRRIWAESGFLDALPDAHVL
ALDLRGRGESGRVGTAEGHALRRYVEDVRAVLDRFGRARYSLFGTFFGGRIALQVAAVDTRVARAFSFCAHAEQVEIPED
AVEEEAVAVEGPGGHAYLRDHFTGRGAPPWMVEACARVDPGELGAATRGLLHGSDRRTERGHPDQELVLITADGDADLAP
FHAGERRLGAHLWLVDAPTRIKAAGRLAEVGRRVAGVLAEGGHGTGDAPAEARTTGDAPAEARASGTGVV
;
_entity_poly.pdbx_strand_id   A
#
# COMPACT_ATOMS: atom_id res chain seq x y z
N ARG A 27 18.53 -11.40 -3.10
CA ARG A 27 18.04 -10.34 -2.23
C ARG A 27 18.87 -10.18 -0.95
N ASP A 28 18.95 -8.95 -0.47
CA ASP A 28 19.53 -8.66 0.83
C ASP A 28 18.41 -8.23 1.78
N VAL A 29 18.60 -8.41 3.07
CA VAL A 29 17.65 -7.87 4.03
C VAL A 29 18.20 -6.60 4.64
N PHE A 30 17.30 -5.74 5.08
CA PHE A 30 17.65 -4.48 5.73
C PHE A 30 16.71 -4.22 6.91
N GLU A 31 17.20 -3.35 7.81
CA GLU A 31 16.41 -2.78 8.89
C GLU A 31 16.69 -1.29 8.95
N VAL A 32 15.64 -0.53 9.21
CA VAL A 32 15.70 0.90 9.47
C VAL A 32 14.79 1.17 10.67
N PHE A 33 14.86 2.38 11.20
CA PHE A 33 14.02 2.79 12.33
C PHE A 33 13.13 3.95 11.94
N SER A 34 11.84 3.82 12.21
CA SER A 34 10.89 4.90 12.02
C SER A 34 11.10 5.97 13.09
N ARG A 35 10.45 7.13 12.87
CA ARG A 35 10.55 8.26 13.81
C ARG A 35 10.26 7.86 15.26
N ASP A 36 9.22 7.07 15.49
CA ASP A 36 8.80 6.70 16.84
C ASP A 36 9.58 5.51 17.40
N GLY A 37 10.67 5.11 16.72
CA GLY A 37 11.51 4.03 17.23
C GLY A 37 11.15 2.65 16.72
N THR A 38 10.09 2.50 15.98
CA THR A 38 9.67 1.17 15.54
C THR A 38 10.62 0.65 14.47
N PRO A 39 11.18 -0.56 14.63
CA PRO A 39 12.02 -1.14 13.58
C PRO A 39 11.20 -1.60 12.39
N ILE A 40 11.67 -1.26 11.18
CA ILE A 40 11.02 -1.59 9.92
C ILE A 40 12.00 -2.45 9.13
N ARG A 41 11.54 -3.65 8.78
CA ARG A 41 12.38 -4.66 8.13
C ARG A 41 11.88 -4.85 6.69
N GLY A 42 12.79 -5.20 5.79
CA GLY A 42 12.43 -5.43 4.40
C GLY A 42 13.52 -6.14 3.64
N PHE A 43 13.31 -6.23 2.32
CA PHE A 43 14.34 -6.76 1.42
C PHE A 43 14.67 -5.75 0.33
N SER A 44 15.90 -5.87 -0.20
CA SER A 44 16.38 -5.10 -1.35
C SER A 44 16.75 -6.11 -2.43
N ARG A 45 16.16 -5.94 -3.62
CA ARG A 45 16.48 -6.75 -4.79
C ARG A 45 17.30 -5.87 -5.74
N PRO A 46 18.62 -6.04 -5.81
CA PRO A 46 19.44 -5.09 -6.60
C PRO A 46 19.11 -5.09 -8.08
N GLY A 47 19.33 -3.96 -8.73
CA GLY A 47 19.15 -3.85 -10.16
C GLY A 47 19.74 -2.55 -10.66
N PRO A 48 20.02 -2.48 -11.97
CA PRO A 48 20.69 -1.30 -12.53
C PRO A 48 19.76 -0.15 -12.87
N GLY A 49 18.45 -0.33 -12.73
CA GLY A 49 17.45 0.62 -13.20
C GLY A 49 16.99 1.57 -12.12
N GLU A 50 15.71 1.94 -12.18
CA GLU A 50 15.15 2.90 -11.23
C GLU A 50 15.00 2.24 -9.87
N THR A 51 14.97 3.05 -8.80
CA THR A 51 14.76 2.54 -7.46
C THR A 51 13.29 2.66 -7.12
N VAL A 52 12.67 1.53 -6.80
CA VAL A 52 11.22 1.40 -6.60
C VAL A 52 10.95 0.90 -5.19
N VAL A 53 10.00 1.51 -4.48
CA VAL A 53 9.65 1.15 -3.09
C VAL A 53 8.20 0.68 -3.10
N LEU A 54 7.98 -0.54 -2.61
CA LEU A 54 6.68 -1.23 -2.68
C LEU A 54 6.03 -1.25 -1.28
N VAL A 55 4.74 -0.86 -1.21
CA VAL A 55 4.00 -0.67 0.06
C VAL A 55 2.71 -1.52 0.02
N HIS A 56 2.65 -2.57 0.85
CA HIS A 56 1.54 -3.52 0.83
C HIS A 56 0.30 -2.97 1.56
N GLY A 57 -0.81 -3.72 1.47
CA GLY A 57 -2.07 -3.36 2.11
C GLY A 57 -2.18 -3.84 3.58
N VAL A 58 -3.36 -3.64 4.17
CA VAL A 58 -3.50 -3.79 5.63
C VAL A 58 -3.25 -5.23 6.08
N ALA A 59 -3.95 -6.19 5.49
CA ALA A 59 -3.90 -7.58 5.90
C ALA A 59 -2.91 -8.35 5.05
N MET A 60 -1.76 -7.74 4.81
CA MET A 60 -0.73 -8.27 3.90
C MET A 60 0.64 -8.09 4.53
N ASP A 61 1.67 -8.63 3.88
CA ASP A 61 3.07 -8.36 4.20
C ASP A 61 3.85 -8.35 2.87
N ARG A 62 5.18 -8.22 2.97
CA ARG A 62 6.02 -8.00 1.80
C ARG A 62 6.07 -9.19 0.85
N ARG A 63 5.61 -10.36 1.25
CA ARG A 63 5.64 -11.52 0.36
C ARG A 63 4.69 -11.38 -0.83
N ILE A 64 3.73 -10.47 -0.80
CA ILE A 64 2.74 -10.40 -1.86
C ILE A 64 3.37 -9.95 -3.17
N TRP A 65 4.52 -9.26 -3.13
CA TRP A 65 5.09 -8.74 -4.38
C TRP A 65 5.55 -9.87 -5.30
N ALA A 66 6.25 -10.84 -4.74
CA ALA A 66 6.64 -12.01 -5.52
C ALA A 66 5.43 -12.89 -5.84
N GLU A 67 4.55 -13.12 -4.86
CA GLU A 67 3.44 -14.04 -5.09
C GLU A 67 2.49 -13.55 -6.17
N SER A 68 2.28 -12.25 -6.23
CA SER A 68 1.39 -11.66 -7.23
C SER A 68 1.98 -11.62 -8.62
N GLY A 69 3.29 -11.80 -8.76
CA GLY A 69 3.95 -11.64 -10.04
C GLY A 69 4.38 -10.22 -10.34
N PHE A 70 4.06 -9.27 -9.46
CA PHE A 70 4.48 -7.89 -9.70
C PHE A 70 6.01 -7.77 -9.73
N LEU A 71 6.68 -8.41 -8.79
CA LEU A 71 8.14 -8.30 -8.72
C LEU A 71 8.81 -8.80 -10.00
N ASP A 72 8.36 -9.93 -10.54
CA ASP A 72 8.91 -10.50 -11.75
C ASP A 72 8.69 -9.62 -12.98
N ALA A 73 7.66 -8.76 -12.95
CA ALA A 73 7.36 -7.88 -14.06
C ALA A 73 8.31 -6.69 -14.15
N LEU A 74 9.14 -6.45 -13.12
CA LEU A 74 10.11 -5.35 -13.16
C LEU A 74 11.48 -5.96 -13.42
N PRO A 75 11.97 -5.98 -14.66
CA PRO A 75 13.24 -6.69 -14.93
C PRO A 75 14.47 -6.02 -14.35
N ASP A 76 14.51 -4.69 -14.37
CA ASP A 76 15.73 -3.96 -14.10
C ASP A 76 15.76 -3.15 -12.80
N ALA A 77 14.62 -2.93 -12.17
CA ALA A 77 14.56 -2.01 -11.05
C ALA A 77 15.35 -2.52 -9.85
N HIS A 78 15.91 -1.59 -9.07
CA HIS A 78 16.32 -1.88 -7.71
C HIS A 78 15.08 -1.77 -6.84
N VAL A 79 14.60 -2.89 -6.32
CA VAL A 79 13.34 -2.95 -5.60
C VAL A 79 13.57 -3.02 -4.11
N LEU A 80 12.90 -2.14 -3.37
CA LEU A 80 12.87 -2.16 -1.90
C LEU A 80 11.45 -2.52 -1.47
N ALA A 81 11.28 -3.59 -0.73
CA ALA A 81 9.96 -3.98 -0.25
C ALA A 81 9.97 -4.08 1.27
N LEU A 82 9.18 -3.24 1.94
CA LEU A 82 9.13 -3.21 3.40
C LEU A 82 7.93 -3.95 3.95
N ASP A 83 8.07 -4.47 5.17
CA ASP A 83 6.92 -4.81 6.04
C ASP A 83 6.54 -3.55 6.84
N LEU A 84 5.29 -3.07 6.67
CA LEU A 84 4.84 -1.97 7.51
C LEU A 84 4.80 -2.43 8.97
N ARG A 85 4.87 -1.44 9.85
CA ARG A 85 4.77 -1.71 11.28
C ARG A 85 3.63 -2.70 11.58
N GLY A 86 3.92 -3.61 12.50
CA GLY A 86 2.93 -4.58 12.96
C GLY A 86 2.66 -5.76 12.06
N ARG A 87 3.24 -5.78 10.85
CA ARG A 87 3.09 -6.82 9.83
C ARG A 87 4.47 -7.46 9.58
N GLY A 88 4.42 -8.68 9.08
CA GLY A 88 5.67 -9.33 8.69
C GLY A 88 6.70 -9.36 9.81
N GLU A 89 7.93 -8.95 9.48
CA GLU A 89 9.07 -8.92 10.39
C GLU A 89 9.31 -7.57 11.06
N SER A 90 8.43 -6.63 10.89
CA SER A 90 8.59 -5.31 11.50
C SER A 90 8.09 -5.29 12.95
N GLY A 91 8.45 -4.22 13.66
CA GLY A 91 8.13 -4.15 15.08
C GLY A 91 6.63 -4.11 15.38
N ARG A 92 6.30 -4.61 16.55
CA ARG A 92 4.92 -4.62 17.03
C ARG A 92 4.48 -3.21 17.43
N VAL A 93 3.16 -3.00 17.37
CA VAL A 93 2.53 -1.71 17.65
C VAL A 93 1.43 -1.93 18.69
N GLY A 94 0.32 -2.52 18.27
CA GLY A 94 -0.72 -2.93 19.21
C GLY A 94 -1.55 -1.81 19.76
N THR A 95 -1.46 -0.60 19.18
CA THR A 95 -2.25 0.55 19.60
C THR A 95 -2.87 1.18 18.37
N ALA A 96 -4.03 1.81 18.54
CA ALA A 96 -4.70 2.50 17.44
C ALA A 96 -3.88 3.68 16.93
N GLU A 97 -3.43 4.57 17.83
CA GLU A 97 -2.68 5.74 17.39
C GLU A 97 -1.33 5.35 16.78
N GLY A 98 -0.75 4.24 17.22
CA GLY A 98 0.47 3.77 16.62
C GLY A 98 0.32 3.38 15.17
N HIS A 99 -0.91 3.14 14.72
CA HIS A 99 -1.23 2.80 13.33
C HIS A 99 -1.81 4.00 12.57
N ALA A 100 -1.63 5.22 13.08
CA ALA A 100 -2.04 6.39 12.32
C ALA A 100 -1.28 6.46 10.98
N LEU A 101 -1.94 7.05 9.98
CA LEU A 101 -1.33 7.21 8.66
C LEU A 101 0.04 7.86 8.75
N ARG A 102 0.18 8.90 9.58
CA ARG A 102 1.45 9.61 9.64
C ARG A 102 2.60 8.71 10.08
N ARG A 103 2.31 7.67 10.88
CA ARG A 103 3.34 6.73 11.28
C ARG A 103 3.77 5.83 10.11
N TYR A 104 2.82 5.35 9.31
CA TYR A 104 3.18 4.59 8.11
C TYR A 104 4.03 5.40 7.13
N VAL A 105 3.71 6.70 6.98
CA VAL A 105 4.49 7.58 6.13
C VAL A 105 5.94 7.63 6.63
N GLU A 106 6.11 7.77 7.97
CA GLU A 106 7.44 7.77 8.58
C GLU A 106 8.18 6.45 8.34
N ASP A 107 7.46 5.32 8.35
CA ASP A 107 8.09 4.02 8.05
C ASP A 107 8.68 4.03 6.63
N VAL A 108 7.92 4.53 5.66
CA VAL A 108 8.42 4.55 4.28
C VAL A 108 9.59 5.52 4.12
N ARG A 109 9.49 6.72 4.72
CA ARG A 109 10.56 7.71 4.60
C ARG A 109 11.88 7.20 5.18
N ALA A 110 11.82 6.38 6.23
CA ALA A 110 13.03 5.77 6.78
C ALA A 110 13.71 4.85 5.76
N VAL A 111 12.91 4.13 4.96
CA VAL A 111 13.48 3.30 3.91
C VAL A 111 14.16 4.18 2.85
N LEU A 112 13.54 5.32 2.50
CA LEU A 112 14.17 6.21 1.52
C LEU A 112 15.54 6.71 2.03
N ASP A 113 15.63 6.99 3.33
CA ASP A 113 16.91 7.42 3.91
C ASP A 113 17.99 6.35 3.75
N ARG A 114 17.67 5.10 4.06
CA ARG A 114 18.73 4.11 4.06
C ARG A 114 19.39 3.98 2.69
N PHE A 115 18.58 4.01 1.63
CA PHE A 115 19.11 3.79 0.28
C PHE A 115 19.64 5.04 -0.38
N GLY A 116 19.48 6.21 0.25
CA GLY A 116 20.22 7.43 -0.03
C GLY A 116 20.01 8.07 -1.39
N ARG A 117 18.99 7.67 -2.16
CA ARG A 117 18.80 8.25 -3.49
C ARG A 117 18.07 9.59 -3.42
N ALA A 118 18.27 10.40 -4.47
CA ALA A 118 17.53 11.64 -4.65
C ALA A 118 16.19 11.42 -5.35
N ARG A 119 16.01 10.29 -6.04
CA ARG A 119 14.75 9.97 -6.73
C ARG A 119 14.31 8.55 -6.42
N TYR A 120 13.03 8.40 -6.10
CA TYR A 120 12.36 7.12 -5.90
C TYR A 120 11.02 7.09 -6.62
N SER A 121 10.59 5.89 -6.99
CA SER A 121 9.24 5.62 -7.49
C SER A 121 8.52 4.68 -6.52
N LEU A 122 7.38 5.08 -5.99
CA LEU A 122 6.64 4.31 -5.01
C LEU A 122 5.44 3.61 -5.66
N PHE A 123 5.12 2.39 -5.22
CA PHE A 123 3.92 1.69 -5.70
C PHE A 123 3.26 1.03 -4.49
N GLY A 124 1.96 1.28 -4.29
CA GLY A 124 1.24 0.71 -3.14
C GLY A 124 -0.08 0.06 -3.54
N THR A 125 -0.41 -1.04 -2.86
CA THR A 125 -1.69 -1.74 -3.07
C THR A 125 -2.72 -1.39 -2.01
N PHE A 126 -3.93 -1.02 -2.44
CA PHE A 126 -5.06 -0.75 -1.53
C PHE A 126 -4.67 0.33 -0.55
N PHE A 127 -4.77 0.13 0.78
CA PHE A 127 -4.36 1.18 1.67
C PHE A 127 -2.87 1.55 1.48
N GLY A 128 -2.04 0.60 1.04
CA GLY A 128 -0.66 0.95 0.72
C GLY A 128 -0.55 1.99 -0.38
N GLY A 129 -1.53 2.06 -1.30
CA GLY A 129 -1.56 3.12 -2.29
C GLY A 129 -1.84 4.48 -1.65
N ARG A 130 -2.74 4.52 -0.68
CA ARG A 130 -3.01 5.76 0.04
C ARG A 130 -1.76 6.22 0.78
N ILE A 131 -1.04 5.27 1.40
CA ILE A 131 0.22 5.61 2.06
C ILE A 131 1.19 6.21 1.05
N ALA A 132 1.37 5.55 -0.11
CA ALA A 132 2.30 6.03 -1.12
C ALA A 132 1.96 7.45 -1.56
N LEU A 133 0.66 7.75 -1.77
CA LEU A 133 0.25 9.09 -2.15
C LEU A 133 0.58 10.12 -1.06
N GLN A 134 0.41 9.78 0.21
CA GLN A 134 0.75 10.72 1.27
C GLN A 134 2.26 10.93 1.39
N VAL A 135 3.05 9.87 1.20
CA VAL A 135 4.50 10.06 1.17
C VAL A 135 4.88 11.02 0.05
N ALA A 136 4.26 10.84 -1.13
CA ALA A 136 4.54 11.72 -2.26
C ALA A 136 4.25 13.17 -1.92
N ALA A 137 3.20 13.41 -1.14
CA ALA A 137 2.81 14.76 -0.77
C ALA A 137 3.87 15.45 0.06
N VAL A 138 4.62 14.72 0.87
CA VAL A 138 5.49 15.33 1.87
C VAL A 138 6.97 15.15 1.59
N ASP A 139 7.36 14.29 0.65
CA ASP A 139 8.78 13.95 0.48
C ASP A 139 9.23 14.26 -0.95
N THR A 140 10.15 15.21 -1.07
CA THR A 140 10.59 15.71 -2.38
C THR A 140 11.40 14.69 -3.16
N ARG A 141 11.85 13.60 -2.52
CA ARG A 141 12.58 12.57 -3.24
C ARG A 141 11.67 11.65 -4.04
N VAL A 142 10.36 11.75 -3.89
CA VAL A 142 9.43 10.87 -4.60
C VAL A 142 9.18 11.47 -5.98
N ALA A 143 9.77 10.86 -7.01
CA ALA A 143 9.57 11.30 -8.38
C ALA A 143 8.29 10.75 -9.00
N ARG A 144 7.87 9.55 -8.58
CA ARG A 144 6.66 8.93 -9.10
C ARG A 144 5.96 8.22 -7.96
N ALA A 145 4.62 8.22 -7.97
CA ALA A 145 3.86 7.40 -7.03
C ALA A 145 2.69 6.80 -7.78
N PHE A 146 2.49 5.51 -7.61
CA PHE A 146 1.39 4.72 -8.19
C PHE A 146 0.54 4.14 -7.05
N SER A 147 -0.79 4.33 -7.12
CA SER A 147 -1.72 3.81 -6.13
C SER A 147 -2.70 2.86 -6.79
N PHE A 148 -2.61 1.59 -6.42
CA PHE A 148 -3.41 0.52 -6.99
C PHE A 148 -4.66 0.31 -6.15
N CYS A 149 -5.81 0.66 -6.74
CA CYS A 149 -7.13 0.45 -6.15
C CYS A 149 -7.38 1.30 -4.91
N ALA A 150 -6.76 2.48 -4.84
CA ALA A 150 -7.06 3.48 -3.83
C ALA A 150 -6.91 4.84 -4.50
N HIS A 151 -7.79 5.76 -4.14
CA HIS A 151 -7.79 7.13 -4.67
C HIS A 151 -7.22 8.07 -3.61
N ALA A 152 -7.17 9.36 -3.97
CA ALA A 152 -6.54 10.39 -3.16
C ALA A 152 -7.51 11.33 -2.47
N GLU A 153 -8.81 11.08 -2.53
CA GLU A 153 -9.76 12.09 -2.08
C GLU A 153 -10.18 11.91 -0.61
N GLN A 154 -10.70 13.00 -0.04
CA GLN A 154 -11.27 12.99 1.29
C GLN A 154 -12.44 12.02 1.32
N VAL A 155 -12.51 11.25 2.41
CA VAL A 155 -13.62 10.33 2.64
C VAL A 155 -14.16 10.57 4.04
N GLU A 156 -15.38 10.11 4.23
CA GLU A 156 -16.01 10.13 5.54
C GLU A 156 -15.90 8.71 6.10
N ILE A 157 -15.35 8.58 7.30
CA ILE A 157 -15.07 7.30 7.94
C ILE A 157 -15.95 7.15 9.17
N PRO A 158 -17.04 6.38 9.09
CA PRO A 158 -17.97 6.27 10.23
C PRO A 158 -17.34 5.50 11.38
N GLU A 159 -17.41 6.08 12.58
CA GLU A 159 -16.73 5.49 13.72
C GLU A 159 -17.33 4.13 14.07
N ASP A 160 -18.66 3.98 14.00
CA ASP A 160 -19.27 2.71 14.36
C ASP A 160 -18.87 1.58 13.40
N ALA A 161 -18.79 1.88 12.10
CA ALA A 161 -18.38 0.85 11.14
C ALA A 161 -16.94 0.41 11.38
N VAL A 162 -16.07 1.36 11.68
CA VAL A 162 -14.68 1.04 11.96
C VAL A 162 -14.58 0.08 13.15
N GLU A 163 -15.26 0.41 14.25
CA GLU A 163 -15.15 -0.43 15.43
C GLU A 163 -15.74 -1.82 15.17
N GLU A 164 -16.83 -1.87 14.43
CA GLU A 164 -17.42 -3.17 14.10
C GLU A 164 -16.43 -4.06 13.35
N GLU A 165 -15.74 -3.50 12.37
CA GLU A 165 -14.76 -4.26 11.62
C GLU A 165 -13.58 -4.63 12.52
N ALA A 166 -13.13 -3.72 13.39
CA ALA A 166 -11.99 -4.05 14.25
C ALA A 166 -12.29 -5.22 15.17
N VAL A 167 -13.50 -5.26 15.72
CA VAL A 167 -13.89 -6.38 16.58
C VAL A 167 -13.95 -7.67 15.76
N ALA A 168 -14.45 -7.59 14.54
CA ALA A 168 -14.57 -8.78 13.69
C ALA A 168 -13.21 -9.39 13.39
N VAL A 169 -12.20 -8.56 13.11
CA VAL A 169 -10.92 -9.08 12.66
C VAL A 169 -9.96 -9.43 13.78
N GLU A 170 -10.17 -8.94 14.99
CA GLU A 170 -9.18 -9.12 16.03
C GLU A 170 -9.44 -10.29 16.96
N GLY A 171 -10.62 -10.86 16.95
CA GLY A 171 -10.93 -11.93 17.86
C GLY A 171 -10.46 -13.27 17.33
N PRO A 172 -10.74 -14.33 18.10
CA PRO A 172 -10.37 -15.68 17.65
C PRO A 172 -10.90 -16.05 16.26
N GLY A 173 -12.05 -15.54 15.86
CA GLY A 173 -12.55 -15.83 14.54
C GLY A 173 -12.11 -14.89 13.44
N GLY A 174 -11.14 -14.00 13.72
CA GLY A 174 -10.84 -12.92 12.80
C GLY A 174 -10.19 -13.40 11.52
N HIS A 175 -9.24 -14.33 11.60
CA HIS A 175 -8.61 -14.83 10.37
C HIS A 175 -9.64 -15.55 9.49
N ALA A 176 -10.51 -16.36 10.09
CA ALA A 176 -11.55 -17.04 9.29
C ALA A 176 -12.53 -16.03 8.68
N TYR A 177 -12.87 -14.97 9.43
CA TYR A 177 -13.72 -13.89 8.90
C TYR A 177 -13.11 -13.30 7.62
N LEU A 178 -11.84 -12.94 7.68
CA LEU A 178 -11.20 -12.33 6.51
C LEU A 178 -11.02 -13.32 5.35
N ARG A 179 -10.61 -14.54 5.65
CA ARG A 179 -10.50 -15.56 4.60
C ARG A 179 -11.81 -15.76 3.88
N ASP A 180 -12.92 -15.86 4.63
CA ASP A 180 -14.23 -16.02 4.01
C ASP A 180 -14.64 -14.79 3.20
N HIS A 181 -14.40 -13.60 3.74
CA HIS A 181 -14.70 -12.37 3.01
C HIS A 181 -13.97 -12.33 1.67
N PHE A 182 -12.65 -12.54 1.69
CA PHE A 182 -11.88 -12.38 0.45
C PHE A 182 -12.14 -13.52 -0.52
N THR A 183 -12.36 -14.75 -0.02
CA THR A 183 -12.69 -15.84 -0.92
C THR A 183 -14.02 -15.59 -1.61
N GLY A 184 -15.02 -15.14 -0.85
CA GLY A 184 -16.33 -14.90 -1.42
C GLY A 184 -16.34 -13.74 -2.41
N ARG A 185 -15.37 -12.82 -2.31
CA ARG A 185 -15.23 -11.70 -3.25
C ARG A 185 -14.25 -12.00 -4.39
N GLY A 186 -13.74 -13.23 -4.49
CA GLY A 186 -12.92 -13.61 -5.63
C GLY A 186 -11.50 -13.07 -5.61
N ALA A 187 -10.96 -12.79 -4.44
CA ALA A 187 -9.58 -12.31 -4.36
C ALA A 187 -8.61 -13.40 -4.80
N PRO A 188 -7.43 -13.02 -5.28
CA PRO A 188 -6.42 -14.02 -5.60
C PRO A 188 -6.04 -14.82 -4.38
N PRO A 189 -5.59 -16.07 -4.58
CA PRO A 189 -5.22 -16.90 -3.41
C PRO A 189 -4.18 -16.25 -2.51
N TRP A 190 -3.19 -15.55 -3.06
CA TRP A 190 -2.18 -14.94 -2.23
C TRP A 190 -2.79 -13.89 -1.27
N MET A 191 -3.85 -13.20 -1.70
CA MET A 191 -4.50 -12.18 -0.87
C MET A 191 -5.35 -12.83 0.20
N VAL A 192 -5.98 -13.97 -0.11
CA VAL A 192 -6.69 -14.73 0.92
C VAL A 192 -5.71 -15.21 1.99
N GLU A 193 -4.60 -15.80 1.57
CA GLU A 193 -3.69 -16.46 2.50
C GLU A 193 -2.87 -15.47 3.34
N ALA A 194 -2.64 -14.25 2.87
CA ALA A 194 -1.81 -13.34 3.65
C ALA A 194 -2.44 -12.98 4.98
N CYS A 195 -3.77 -13.03 5.08
CA CYS A 195 -4.45 -12.53 6.27
C CYS A 195 -4.01 -13.28 7.52
N ALA A 196 -3.83 -14.61 7.40
CA ALA A 196 -3.51 -15.44 8.55
C ALA A 196 -2.09 -15.23 9.07
N ARG A 197 -1.27 -14.52 8.32
CA ARG A 197 0.09 -14.15 8.73
C ARG A 197 0.14 -12.85 9.52
N VAL A 198 -0.99 -12.19 9.77
CA VAL A 198 -1.02 -10.94 10.53
C VAL A 198 -1.56 -11.22 11.94
N ASP A 199 -0.85 -10.73 12.94
CA ASP A 199 -1.32 -10.94 14.31
C ASP A 199 -2.73 -10.37 14.47
N PRO A 200 -3.65 -11.09 15.15
CA PRO A 200 -5.03 -10.58 15.31
C PRO A 200 -5.06 -9.19 15.95
N GLY A 201 -4.22 -8.96 16.94
CA GLY A 201 -4.23 -7.67 17.60
C GLY A 201 -3.79 -6.53 16.70
N GLU A 202 -2.88 -6.79 15.77
CA GLU A 202 -2.49 -5.76 14.82
C GLU A 202 -3.57 -5.54 13.76
N LEU A 203 -4.32 -6.56 13.37
CA LEU A 203 -5.46 -6.32 12.50
C LEU A 203 -6.46 -5.36 13.14
N GLY A 204 -6.78 -5.60 14.41
CA GLY A 204 -7.69 -4.72 15.12
C GLY A 204 -7.14 -3.30 15.25
N ALA A 205 -5.88 -3.19 15.69
CA ALA A 205 -5.29 -1.86 15.89
C ALA A 205 -5.15 -1.08 14.56
N ALA A 206 -4.75 -1.75 13.48
CA ALA A 206 -4.65 -1.07 12.19
C ALA A 206 -6.00 -0.55 11.74
N THR A 207 -7.06 -1.35 11.96
CA THR A 207 -8.40 -0.90 11.61
C THR A 207 -8.77 0.35 12.40
N ARG A 208 -8.57 0.35 13.73
CA ARG A 208 -8.87 1.54 14.51
C ARG A 208 -7.98 2.72 14.13
N GLY A 209 -6.75 2.47 13.70
CA GLY A 209 -5.85 3.53 13.26
C GLY A 209 -6.40 4.36 12.12
N LEU A 210 -7.38 3.83 11.38
CA LEU A 210 -7.97 4.61 10.29
C LEU A 210 -8.61 5.88 10.77
N LEU A 211 -9.02 5.97 12.04
CA LEU A 211 -9.62 7.17 12.58
C LEU A 211 -8.61 8.26 12.93
N HIS A 212 -7.32 8.01 12.70
CA HIS A 212 -6.30 8.98 13.02
C HIS A 212 -5.61 9.58 11.81
N GLY A 213 -6.39 10.03 10.85
CA GLY A 213 -5.89 10.90 9.80
C GLY A 213 -6.09 10.39 8.38
N SER A 214 -6.48 9.13 8.19
CA SER A 214 -6.60 8.57 6.86
C SER A 214 -7.78 9.11 6.07
N ASP A 215 -8.72 9.82 6.70
CA ASP A 215 -9.83 10.38 5.95
C ASP A 215 -9.46 11.57 5.09
N ARG A 216 -8.35 12.25 5.36
CA ARG A 216 -8.08 13.49 4.65
C ARG A 216 -7.51 13.22 3.25
N ARG A 217 -7.81 14.12 2.32
CA ARG A 217 -7.27 14.00 0.97
C ARG A 217 -5.73 14.11 0.98
N THR A 218 -5.08 13.58 -0.08
CA THR A 218 -3.64 13.80 -0.26
C THR A 218 -3.41 14.89 -1.32
N GLU A 219 -2.25 15.53 -1.22
CA GLU A 219 -1.85 16.65 -2.06
C GLU A 219 -0.69 16.26 -2.98
N ARG A 220 -0.50 17.02 -4.05
CA ARG A 220 0.67 16.86 -4.91
C ARG A 220 1.88 17.45 -4.17
N GLY A 221 2.99 16.71 -4.16
CA GLY A 221 4.21 17.19 -3.52
C GLY A 221 5.02 18.20 -4.28
N HIS A 222 5.15 18.06 -5.60
CA HIS A 222 5.89 19.03 -6.38
C HIS A 222 5.50 18.91 -7.84
N PRO A 223 5.74 19.97 -8.63
CA PRO A 223 5.17 20.01 -10.00
C PRO A 223 5.59 18.88 -10.94
N ASP A 224 6.81 18.39 -10.82
CA ASP A 224 7.34 17.41 -11.77
C ASP A 224 6.98 15.96 -11.42
N GLN A 225 6.35 15.74 -10.27
CA GLN A 225 6.03 14.39 -9.87
C GLN A 225 5.04 13.73 -10.81
N GLU A 226 5.22 12.45 -11.07
CA GLU A 226 4.27 11.65 -11.86
C GLU A 226 3.39 10.85 -10.89
N LEU A 227 2.09 11.10 -10.92
CA LEU A 227 1.12 10.46 -10.02
C LEU A 227 0.16 9.63 -10.87
N VAL A 228 -0.03 8.37 -10.50
CA VAL A 228 -0.82 7.40 -11.24
C VAL A 228 -1.78 6.69 -10.28
N LEU A 229 -3.07 6.65 -10.63
CA LEU A 229 -4.09 5.87 -9.93
C LEU A 229 -4.48 4.71 -10.86
N ILE A 230 -4.71 3.53 -10.30
CA ILE A 230 -5.11 2.36 -11.07
C ILE A 230 -6.35 1.75 -10.43
N THR A 231 -7.34 1.35 -11.22
CA THR A 231 -8.47 0.59 -10.66
C THR A 231 -9.14 -0.28 -11.73
N ALA A 232 -10.18 -1.01 -11.30
CA ALA A 232 -11.01 -1.83 -12.18
C ALA A 232 -11.86 -0.95 -13.08
N ASP A 233 -11.97 -1.32 -14.37
CA ASP A 233 -12.88 -0.61 -15.27
C ASP A 233 -14.32 -0.70 -14.79
N GLY A 234 -14.68 -1.78 -14.11
CA GLY A 234 -16.00 -1.93 -13.55
C GLY A 234 -16.25 -1.37 -12.15
N ASP A 235 -15.28 -0.66 -11.57
CA ASP A 235 -15.39 -0.11 -10.21
C ASP A 235 -16.72 0.60 -10.02
N ALA A 236 -17.39 0.28 -8.92
CA ALA A 236 -18.68 0.89 -8.59
C ALA A 236 -18.59 2.37 -8.22
N ASP A 237 -17.40 2.87 -7.92
CA ASP A 237 -17.21 4.26 -7.48
C ASP A 237 -15.96 4.83 -8.16
N LEU A 238 -16.06 5.04 -9.48
CA LEU A 238 -14.95 5.65 -10.21
C LEU A 238 -14.80 7.14 -9.95
N ALA A 239 -15.86 7.79 -9.46
CA ALA A 239 -15.84 9.25 -9.36
C ALA A 239 -14.63 9.80 -8.60
N PRO A 240 -14.24 9.26 -7.43
CA PRO A 240 -13.07 9.84 -6.74
C PRO A 240 -11.77 9.64 -7.50
N PHE A 241 -11.67 8.62 -8.36
CA PHE A 241 -10.49 8.46 -9.23
C PHE A 241 -10.42 9.59 -10.25
N HIS A 242 -11.54 9.92 -10.91
CA HIS A 242 -11.56 11.06 -11.81
C HIS A 242 -11.26 12.37 -11.07
N ALA A 243 -11.69 12.49 -9.81
CA ALA A 243 -11.37 13.69 -9.03
C ALA A 243 -9.86 13.86 -8.87
N GLY A 244 -9.13 12.78 -8.66
CA GLY A 244 -7.69 12.90 -8.58
C GLY A 244 -7.01 13.28 -9.89
N GLU A 245 -7.54 12.81 -11.03
CA GLU A 245 -7.04 13.28 -12.32
C GLU A 245 -7.08 14.81 -12.39
N ARG A 246 -8.22 15.39 -11.99
CA ARG A 246 -8.41 16.84 -12.09
C ARG A 246 -7.57 17.60 -11.08
N ARG A 247 -7.64 17.17 -9.81
CA ARG A 247 -7.09 17.95 -8.71
C ARG A 247 -5.58 17.78 -8.63
N LEU A 248 -5.08 16.58 -8.90
CA LEU A 248 -3.66 16.29 -8.76
C LEU A 248 -2.94 16.15 -10.09
N GLY A 249 -3.65 16.19 -11.23
CA GLY A 249 -2.99 15.90 -12.49
C GLY A 249 -2.52 14.48 -12.57
N ALA A 250 -3.21 13.56 -11.89
CA ALA A 250 -2.84 12.15 -11.94
C ALA A 250 -3.33 11.48 -13.22
N HIS A 251 -2.63 10.45 -13.65
CA HIS A 251 -3.12 9.61 -14.73
C HIS A 251 -3.92 8.45 -14.20
N LEU A 252 -4.96 8.03 -14.90
CA LEU A 252 -5.81 6.92 -14.47
C LEU A 252 -5.62 5.75 -15.42
N TRP A 253 -5.16 4.62 -14.88
CA TRP A 253 -5.05 3.36 -15.58
C TRP A 253 -6.18 2.44 -15.17
N LEU A 254 -6.76 1.72 -16.13
CA LEU A 254 -7.81 0.76 -15.84
C LEU A 254 -7.37 -0.64 -16.19
N VAL A 255 -7.87 -1.59 -15.42
CA VAL A 255 -7.70 -3.02 -15.72
C VAL A 255 -9.08 -3.66 -15.91
N ASP A 256 -9.11 -4.79 -16.66
CA ASP A 256 -10.38 -5.46 -16.93
C ASP A 256 -10.80 -6.28 -15.72
N ALA A 257 -11.76 -5.77 -14.93
CA ALA A 257 -12.27 -6.45 -13.74
C ALA A 257 -13.58 -5.80 -13.29
N PRO A 258 -14.50 -6.53 -12.64
CA PRO A 258 -15.75 -5.91 -12.20
C PRO A 258 -15.66 -5.23 -10.84
N THR A 259 -14.66 -5.53 -10.02
CA THR A 259 -14.50 -4.94 -8.69
C THR A 259 -13.03 -4.72 -8.37
N ARG A 260 -12.78 -3.90 -7.31
CA ARG A 260 -11.39 -3.65 -6.90
C ARG A 260 -10.70 -4.91 -6.41
N ILE A 261 -11.40 -5.74 -5.63
CA ILE A 261 -10.80 -6.97 -5.15
C ILE A 261 -10.42 -7.87 -6.32
N LYS A 262 -11.31 -8.00 -7.31
CA LYS A 262 -10.96 -8.83 -8.47
C LYS A 262 -9.86 -8.20 -9.32
N ALA A 263 -9.73 -6.88 -9.30
CA ALA A 263 -8.63 -6.22 -10.00
C ALA A 263 -7.27 -6.68 -9.49
N ALA A 264 -7.18 -7.15 -8.24
CA ALA A 264 -5.91 -7.68 -7.72
C ALA A 264 -5.39 -8.87 -8.52
N GLY A 265 -6.26 -9.59 -9.23
CA GLY A 265 -5.82 -10.63 -10.15
C GLY A 265 -5.01 -10.12 -11.33
N ARG A 266 -5.05 -8.81 -11.58
CA ARG A 266 -4.33 -8.17 -12.68
C ARG A 266 -3.05 -7.47 -12.23
N LEU A 267 -2.56 -7.76 -11.02
CA LEU A 267 -1.42 -7.00 -10.51
C LEU A 267 -0.13 -7.22 -11.31
N ALA A 268 0.13 -8.43 -11.81
CA ALA A 268 1.30 -8.61 -12.65
C ALA A 268 1.20 -7.80 -13.94
N GLU A 269 0.01 -7.75 -14.53
CA GLU A 269 -0.21 -6.93 -15.71
C GLU A 269 0.13 -5.49 -15.45
N VAL A 270 -0.31 -4.97 -14.29
CA VAL A 270 0.03 -3.61 -13.91
C VAL A 270 1.54 -3.44 -13.78
N GLY A 271 2.21 -4.42 -13.16
CA GLY A 271 3.66 -4.36 -13.10
C GLY A 271 4.34 -4.20 -14.44
N ARG A 272 3.82 -4.89 -15.49
CA ARG A 272 4.40 -4.73 -16.82
C ARG A 272 4.30 -3.28 -17.33
N ARG A 273 3.18 -2.63 -17.03
CA ARG A 273 3.00 -1.24 -17.44
C ARG A 273 3.86 -0.29 -16.60
N VAL A 274 4.03 -0.57 -15.30
CA VAL A 274 5.02 0.17 -14.51
C VAL A 274 6.41 0.04 -15.13
N ALA A 275 6.82 -1.17 -15.50
CA ALA A 275 8.14 -1.34 -16.10
C ALA A 275 8.31 -0.47 -17.33
N GLY A 276 7.24 -0.27 -18.11
CA GLY A 276 7.33 0.59 -19.27
C GLY A 276 7.60 2.05 -18.93
N VAL A 277 6.99 2.55 -17.85
CA VAL A 277 7.29 3.90 -17.35
C VAL A 277 8.74 4.00 -16.92
N LEU A 278 9.23 3.03 -16.14
CA LEU A 278 10.59 3.10 -15.60
C LEU A 278 11.62 3.01 -16.73
N ALA A 279 11.29 2.32 -17.81
CA ALA A 279 12.21 2.20 -18.95
C ALA A 279 12.29 3.52 -19.72
#